data_9G5L
#
_entry.id   9G5L
#
_cell.length_a   99.040
_cell.length_b   99.040
_cell.length_c   70.260
_cell.angle_alpha   90.000
_cell.angle_beta   90.000
_cell.angle_gamma   90.000
#
_symmetry.space_group_name_H-M   'P 41 21 2'
#
loop_
_entity.id
_entity.type
_entity.pdbx_description
1 polymer 'Endoribonuclease MazF'
2 polymer 'Nanobody 10'
3 non-polymer 'CHLORIDE ION'
4 water water
#
loop_
_entity_poly.entity_id
_entity_poly.type
_entity_poly.pdbx_seq_one_letter_code
_entity_poly.pdbx_strand_id
1 'polypeptide(L)'
;MGSSHHHHHHSQDPIRRGDVYLADLSPVQGSEQGGVRPVVIIQNDTGNKYSPTVIVAAITGRINKAKIPTHVEIEKKKYK
LDKDSVILLEQIRTLDKKRLKEKLTYLSDDKMKEVDNALMISLGLNAVAHQKN
;
A
2 'polypeptide(L)'
;AQVQLQESGGGLVQPGGSLRLSCASAYTLDYYAIGWFRQAPGKEREVVSCIRSSDGSTYYADSVKGRFTISSDNAKNTVY
LQMNSLKPEDTAVYYCAADSYLLEFCGYYSGSSYSGPASGRLDYWGQGTQVTVSSHHHHHH
;
B
#
loop_
_chem_comp.id
_chem_comp.type
_chem_comp.name
_chem_comp.formula
CL non-polymer 'CHLORIDE ION' 'Cl -1'
#
# COMPACT_ATOMS: atom_id res chain seq x y z
N ASP A 13 34.01 -12.61 5.38
CA ASP A 13 34.73 -11.38 5.04
C ASP A 13 34.21 -10.66 3.77
N PRO A 14 33.95 -11.39 2.66
CA PRO A 14 33.43 -10.73 1.46
C PRO A 14 31.94 -10.43 1.56
N ILE A 15 31.58 -9.24 1.09
CA ILE A 15 30.16 -8.82 1.09
C ILE A 15 29.53 -9.36 -0.19
N ARG A 16 28.48 -10.17 -0.03
CA ARG A 16 27.84 -10.84 -1.16
C ARG A 16 26.44 -10.30 -1.39
N ARG A 17 26.08 -10.22 -2.68
CA ARG A 17 24.70 -9.85 -3.02
C ARG A 17 23.74 -10.87 -2.42
N GLY A 18 22.72 -10.38 -1.72
CA GLY A 18 21.81 -11.26 -1.01
C GLY A 18 22.11 -11.43 0.47
N ASP A 19 23.29 -10.99 0.94
CA ASP A 19 23.55 -10.97 2.38
C ASP A 19 22.59 -9.99 3.06
N VAL A 20 22.33 -10.21 4.35
CA VAL A 20 21.50 -9.31 5.14
C VAL A 20 22.34 -8.80 6.31
N TYR A 21 22.51 -7.49 6.40
CA TYR A 21 23.29 -6.87 7.46
C TYR A 21 22.41 -5.95 8.28
N LEU A 22 22.78 -5.77 9.53
CA LEU A 22 22.27 -4.64 10.31
C LEU A 22 22.98 -3.36 9.88
N ALA A 23 22.23 -2.27 9.69
CA ALA A 23 22.84 -1.01 9.25
C ALA A 23 22.06 0.19 9.79
N ASP A 24 22.80 1.26 10.14
CA ASP A 24 22.19 2.49 10.63
C ASP A 24 21.83 3.38 9.44
N LEU A 25 20.53 3.49 9.14
CA LEU A 25 20.07 4.26 7.99
C LEU A 25 19.82 5.72 8.31
N SER A 26 19.77 6.07 9.57
CA SER A 26 19.47 7.44 9.95
C SER A 26 20.72 8.30 9.81
N PRO A 27 20.55 9.62 9.62
CA PRO A 27 19.28 10.37 9.54
C PRO A 27 18.53 10.24 8.21
N VAL A 28 17.19 10.31 8.22
CA VAL A 28 16.39 10.32 7.00
C VAL A 28 15.37 11.43 7.12
N GLN A 29 14.68 11.70 6.01
CA GLN A 29 13.63 12.73 5.99
C GLN A 29 12.33 12.14 5.46
N GLY A 30 11.21 12.73 5.91
CA GLY A 30 9.91 12.40 5.33
C GLY A 30 9.63 10.91 5.42
N SER A 31 9.24 10.33 4.27
CA SER A 31 8.81 8.95 4.23
C SER A 31 9.95 8.00 3.91
N GLU A 32 11.19 8.49 3.98
CA GLU A 32 12.36 7.63 3.84
C GLU A 32 12.43 6.69 5.04
N GLN A 33 12.88 5.43 4.81
CA GLN A 33 13.01 4.46 5.90
C GLN A 33 14.26 4.75 6.71
N GLY A 34 14.09 4.95 8.02
CA GLY A 34 15.21 5.27 8.87
C GLY A 34 15.50 4.23 9.95
N GLY A 35 16.33 4.61 10.91
CA GLY A 35 16.68 3.74 12.03
C GLY A 35 17.74 2.70 11.69
N VAL A 36 18.20 2.00 12.72
CA VAL A 36 19.07 0.84 12.56
C VAL A 36 18.18 -0.37 12.29
N ARG A 37 18.49 -1.11 11.22
CA ARG A 37 17.58 -2.16 10.78
C ARG A 37 18.32 -3.09 9.82
N PRO A 38 17.79 -4.30 9.59
CA PRO A 38 18.35 -5.15 8.53
C PRO A 38 18.14 -4.56 7.16
N VAL A 39 19.14 -4.78 6.30
CA VAL A 39 19.08 -4.38 4.89
C VAL A 39 19.65 -5.52 4.08
N VAL A 40 19.21 -5.67 2.85
CA VAL A 40 19.74 -6.71 1.95
C VAL A 40 20.65 -6.08 0.90
N ILE A 41 21.80 -6.71 0.67
CA ILE A 41 22.73 -6.26 -0.36
C ILE A 41 22.16 -6.58 -1.73
N ILE A 42 21.95 -5.56 -2.57
CA ILE A 42 21.46 -5.77 -3.93
C ILE A 42 22.46 -5.35 -4.99
N GLN A 43 23.58 -4.73 -4.63
CA GLN A 43 24.61 -4.44 -5.62
C GLN A 43 25.29 -5.73 -6.10
N ASN A 44 25.76 -5.71 -7.34
CA ASN A 44 26.43 -6.84 -7.96
C ASN A 44 27.76 -7.10 -7.23
N ASP A 45 28.24 -8.33 -7.31
CA ASP A 45 29.35 -8.76 -6.46
C ASP A 45 30.67 -8.12 -6.84
N THR A 46 30.85 -7.71 -8.09
CA THR A 46 32.07 -6.98 -8.46
C THR A 46 32.11 -5.63 -7.78
N GLY A 47 31.00 -4.87 -7.86
CA GLY A 47 30.93 -3.65 -7.06
C GLY A 47 31.09 -3.92 -5.56
N ASN A 48 30.51 -5.01 -5.06
CA ASN A 48 30.66 -5.33 -3.64
C ASN A 48 32.14 -5.49 -3.25
N LYS A 49 32.91 -6.13 -4.11
CA LYS A 49 34.32 -6.37 -3.81
C LYS A 49 35.14 -5.08 -3.89
N TYR A 50 34.93 -4.23 -4.90
CA TYR A 50 35.90 -3.19 -5.21
C TYR A 50 35.42 -1.75 -4.96
N SER A 51 34.16 -1.55 -4.61
CA SER A 51 33.64 -0.21 -4.33
C SER A 51 33.74 0.10 -2.84
N PRO A 52 33.83 1.39 -2.46
CA PRO A 52 33.76 1.73 -1.02
C PRO A 52 32.31 1.68 -0.47
N THR A 53 31.33 1.57 -1.34
CA THR A 53 29.92 1.61 -1.00
C THR A 53 29.22 0.33 -1.42
N VAL A 54 28.03 0.05 -0.83
CA VAL A 54 27.18 -1.05 -1.28
C VAL A 54 25.79 -0.43 -1.51
N ILE A 55 24.97 -1.10 -2.30
CA ILE A 55 23.58 -0.70 -2.53
C ILE A 55 22.70 -1.71 -1.82
N VAL A 56 21.67 -1.21 -1.11
CA VAL A 56 20.90 -2.04 -0.21
C VAL A 56 19.43 -1.70 -0.38
N ALA A 57 18.60 -2.64 0.03
CA ALA A 57 17.16 -2.41 0.18
C ALA A 57 16.77 -2.60 1.63
N ALA A 58 15.86 -1.77 2.12
CA ALA A 58 15.53 -1.82 3.54
C ALA A 58 14.59 -2.98 3.83
N ILE A 59 14.65 -3.50 5.05
CA ILE A 59 13.70 -4.49 5.55
C ILE A 59 12.99 -3.92 6.76
N THR A 60 11.66 -4.10 6.83
CA THR A 60 10.93 -3.59 7.97
C THR A 60 10.08 -4.68 8.62
N GLY A 61 9.94 -4.56 9.94
CA GLY A 61 9.03 -5.35 10.72
C GLY A 61 7.71 -4.65 10.96
N ARG A 62 7.58 -3.40 10.51
CA ARG A 62 6.37 -2.66 10.83
C ARG A 62 5.17 -3.16 10.03
N ILE A 63 5.42 -3.80 8.89
CA ILE A 63 4.42 -4.61 8.19
C ILE A 63 4.95 -6.03 8.10
N ASN A 64 4.03 -7.00 7.99
CA ASN A 64 4.45 -8.40 7.86
C ASN A 64 3.89 -9.10 6.64
N LYS A 65 3.21 -8.39 5.75
CA LYS A 65 2.65 -8.93 4.53
C LYS A 65 3.01 -7.99 3.40
N ALA A 66 3.34 -8.55 2.23
CA ALA A 66 3.61 -7.69 1.07
C ALA A 66 2.35 -6.87 0.76
N LYS A 67 2.53 -5.58 0.45
CA LYS A 67 1.38 -4.72 0.16
C LYS A 67 1.28 -4.37 -1.32
N ILE A 68 2.40 -4.32 -2.03
CA ILE A 68 2.49 -3.84 -3.41
C ILE A 68 3.51 -4.69 -4.16
N PRO A 69 3.61 -4.60 -5.50
CA PRO A 69 4.53 -5.50 -6.21
C PRO A 69 6.00 -5.32 -5.88
N THR A 70 6.38 -4.21 -5.24
CA THR A 70 7.78 -4.01 -4.87
C THR A 70 8.10 -4.58 -3.48
N HIS A 71 7.21 -5.35 -2.90
CA HIS A 71 7.38 -5.91 -1.57
C HIS A 71 7.69 -7.40 -1.64
N VAL A 72 8.64 -7.86 -0.82
CA VAL A 72 8.97 -9.29 -0.75
C VAL A 72 8.98 -9.70 0.72
N GLU A 73 8.22 -10.72 1.06
CA GLU A 73 8.08 -11.14 2.44
C GLU A 73 9.29 -11.98 2.82
N ILE A 74 9.71 -11.87 4.08
CA ILE A 74 10.73 -12.78 4.59
C ILE A 74 10.33 -13.22 5.99
N GLU A 75 10.41 -14.52 6.21
CA GLU A 75 9.86 -15.22 7.36
C GLU A 75 10.78 -15.09 8.58
N LYS A 76 10.16 -15.02 9.78
CA LYS A 76 10.93 -14.79 11.01
C LYS A 76 11.92 -15.92 11.28
N LYS A 77 11.51 -17.17 11.06
CA LYS A 77 12.31 -18.31 11.52
C LYS A 77 13.49 -18.59 10.59
N LYS A 78 13.25 -18.73 9.28
CA LYS A 78 14.32 -19.14 8.37
C LYS A 78 15.45 -18.13 8.35
N TYR A 79 15.11 -16.85 8.33
CA TYR A 79 16.06 -15.77 8.47
C TYR A 79 16.09 -15.42 9.95
N LYS A 80 16.98 -14.52 10.36
CA LYS A 80 17.24 -14.54 11.81
C LYS A 80 16.62 -13.34 12.51
N LEU A 81 15.33 -13.07 12.21
CA LEU A 81 14.71 -11.79 12.45
C LEU A 81 13.86 -11.79 13.73
N ASP A 82 13.65 -10.60 14.28
CA ASP A 82 12.76 -10.44 15.43
C ASP A 82 11.32 -10.75 15.06
N LYS A 83 10.92 -10.49 13.81
CA LYS A 83 9.55 -10.76 13.43
C LYS A 83 9.48 -10.94 11.92
N ASP A 84 8.34 -11.49 11.49
CA ASP A 84 8.05 -11.63 10.07
C ASP A 84 8.18 -10.25 9.44
N SER A 85 8.93 -10.15 8.36
CA SER A 85 9.31 -8.84 7.85
C SER A 85 9.04 -8.76 6.37
N VAL A 86 9.28 -7.60 5.78
CA VAL A 86 9.17 -7.48 4.34
C VAL A 86 10.28 -6.56 3.82
N ILE A 87 10.83 -6.98 2.69
CA ILE A 87 11.86 -6.24 1.99
C ILE A 87 11.17 -5.23 1.10
N LEU A 88 11.60 -3.97 1.21
CA LEU A 88 10.99 -2.86 0.49
C LEU A 88 11.85 -2.50 -0.72
N LEU A 89 11.52 -3.03 -1.88
CA LEU A 89 12.39 -2.72 -3.02
C LEU A 89 12.15 -1.31 -3.55
N GLU A 90 11.16 -0.57 -3.00
CA GLU A 90 11.03 0.84 -3.27
C GLU A 90 11.88 1.70 -2.32
N GLN A 91 12.57 1.08 -1.35
CA GLN A 91 13.39 1.77 -0.34
C GLN A 91 14.82 1.28 -0.52
N ILE A 92 15.53 1.89 -1.45
CA ILE A 92 16.88 1.42 -1.70
C ILE A 92 17.87 2.57 -1.51
N ARG A 93 19.11 2.23 -1.13
CA ARG A 93 20.09 3.31 -1.13
C ARG A 93 21.51 2.77 -1.07
N THR A 94 22.42 3.67 -1.32
CA THR A 94 23.86 3.38 -1.37
C THR A 94 24.46 3.79 -0.04
N LEU A 95 25.21 2.87 0.59
CA LEU A 95 25.73 3.08 1.93
C LEU A 95 27.22 2.88 1.84
N ASP A 96 27.97 3.77 2.47
CA ASP A 96 29.37 3.45 2.72
C ASP A 96 29.46 2.15 3.52
N LYS A 97 30.44 1.31 3.18
CA LYS A 97 30.59 0.03 3.84
C LYS A 97 30.71 0.15 5.36
N LYS A 98 31.21 1.28 5.86
CA LYS A 98 31.33 1.44 7.30
C LYS A 98 29.98 1.39 8.00
N ARG A 99 28.88 1.62 7.29
CA ARG A 99 27.59 1.55 7.95
C ARG A 99 27.22 0.13 8.31
N LEU A 100 27.74 -0.85 7.59
CA LEU A 100 27.33 -2.23 7.82
C LEU A 100 27.81 -2.68 9.20
N LYS A 101 26.90 -3.21 10.00
CA LYS A 101 27.22 -3.68 11.35
C LYS A 101 27.21 -5.21 11.32
N GLU A 102 26.42 -5.88 12.16
CA GLU A 102 26.46 -7.34 12.18
C GLU A 102 25.89 -7.92 10.88
N LYS A 103 26.54 -8.95 10.34
CA LYS A 103 25.94 -9.76 9.31
C LYS A 103 24.93 -10.70 9.96
N LEU A 104 23.67 -10.62 9.55
CA LEU A 104 22.64 -11.38 10.26
C LEU A 104 22.31 -12.71 9.59
N THR A 105 22.30 -12.77 8.25
CA THR A 105 21.86 -13.94 7.51
C THR A 105 22.07 -13.70 6.01
N TYR A 106 21.55 -14.57 5.14
CA TYR A 106 21.56 -14.32 3.70
C TYR A 106 20.39 -15.04 3.06
N LEU A 107 19.84 -14.45 2.00
CA LEU A 107 18.60 -14.96 1.41
C LEU A 107 18.85 -16.20 0.57
N SER A 108 17.88 -17.11 0.57
CA SER A 108 17.94 -18.26 -0.32
C SER A 108 17.93 -17.82 -1.78
N ASP A 109 18.32 -18.75 -2.67
CA ASP A 109 18.26 -18.44 -4.09
C ASP A 109 16.85 -18.09 -4.52
N ASP A 110 15.87 -18.89 -4.09
CA ASP A 110 14.48 -18.64 -4.48
C ASP A 110 14.03 -17.29 -4.00
N LYS A 111 14.38 -16.93 -2.76
CA LYS A 111 14.01 -15.63 -2.24
C LYS A 111 14.62 -14.50 -3.06
N MET A 112 15.91 -14.63 -3.41
CA MET A 112 16.57 -13.60 -4.20
C MET A 112 15.93 -13.44 -5.58
N LYS A 113 15.36 -14.52 -6.12
CA LYS A 113 14.65 -14.40 -7.39
C LYS A 113 13.42 -13.51 -7.23
N GLU A 114 12.69 -13.68 -6.13
CA GLU A 114 11.61 -12.73 -5.79
C GLU A 114 12.12 -11.31 -5.68
N VAL A 115 13.26 -11.12 -5.03
CA VAL A 115 13.79 -9.78 -4.88
C VAL A 115 14.16 -9.19 -6.24
N ASP A 116 14.80 -9.98 -7.11
CA ASP A 116 15.15 -9.49 -8.44
C ASP A 116 13.91 -9.01 -9.20
N ASN A 117 12.84 -9.79 -9.17
CA ASN A 117 11.63 -9.40 -9.90
C ASN A 117 11.02 -8.10 -9.36
N ALA A 118 10.99 -7.96 -8.02
CA ALA A 118 10.46 -6.72 -7.41
C ALA A 118 11.34 -5.53 -7.74
N LEU A 119 12.65 -5.77 -7.82
CA LEU A 119 13.59 -4.71 -8.17
C LEU A 119 13.41 -4.28 -9.63
N MET A 120 13.16 -5.23 -10.53
CA MET A 120 12.85 -4.89 -11.92
C MET A 120 11.58 -4.04 -12.00
N ILE A 121 10.56 -4.40 -11.21
CA ILE A 121 9.31 -3.62 -11.18
C ILE A 121 9.58 -2.23 -10.63
N SER A 122 10.22 -2.16 -9.46
CA SER A 122 10.52 -0.91 -8.77
C SER A 122 11.25 0.07 -9.67
N LEU A 123 12.25 -0.41 -10.40
CA LEU A 123 13.08 0.49 -11.19
C LEU A 123 12.64 0.59 -12.64
N GLY A 124 11.45 0.11 -12.99
CA GLY A 124 10.99 0.30 -14.36
C GLY A 124 11.81 -0.40 -15.40
N LEU A 125 12.39 -1.54 -15.05
CA LEU A 125 13.15 -2.33 -15.99
C LEU A 125 12.29 -3.50 -16.45
N ASN A 126 12.64 -4.08 -17.58
CA ASN A 126 11.88 -5.26 -18.01
C ASN A 126 12.61 -5.96 -19.15
N ALA A 127 12.95 -7.23 -18.94
CA ALA A 127 13.69 -7.99 -19.94
C ALA A 127 13.57 -9.49 -19.67
N VAL B 3 -14.31 -0.22 17.36
CA VAL B 3 -14.45 0.10 15.93
C VAL B 3 -13.36 1.11 15.45
N GLN B 4 -12.89 0.93 14.21
CA GLN B 4 -11.85 1.76 13.62
C GLN B 4 -12.46 2.70 12.58
N LEU B 5 -12.60 2.19 11.37
CA LEU B 5 -13.29 2.86 10.27
C LEU B 5 -14.79 2.64 10.35
N GLN B 6 -15.57 3.67 10.04
CA GLN B 6 -17.03 3.54 10.03
C GLN B 6 -17.61 4.35 8.88
N GLU B 7 -18.30 3.68 7.95
CA GLU B 7 -18.89 4.45 6.88
C GLU B 7 -20.30 4.87 7.26
N SER B 8 -20.73 5.96 6.64
CA SER B 8 -22.11 6.35 6.77
C SER B 8 -22.48 7.09 5.50
N GLY B 9 -23.78 7.35 5.32
CA GLY B 9 -24.26 8.13 4.21
C GLY B 9 -24.78 7.36 3.02
N GLY B 10 -24.86 6.04 3.08
CA GLY B 10 -25.50 5.30 2.01
C GLY B 10 -27.01 5.58 1.95
N GLY B 11 -27.66 4.91 1.01
CA GLY B 11 -29.11 5.00 0.90
C GLY B 11 -29.53 4.88 -0.54
N LEU B 12 -30.78 5.23 -0.79
CA LEU B 12 -31.39 5.10 -2.10
C LEU B 12 -31.38 6.46 -2.79
N VAL B 13 -31.07 6.44 -4.08
CA VAL B 13 -31.06 7.64 -4.89
C VAL B 13 -31.61 7.27 -6.26
N GLN B 14 -32.27 8.24 -6.91
CA GLN B 14 -32.68 7.98 -8.27
C GLN B 14 -31.49 8.14 -9.19
N PRO B 15 -31.51 7.48 -10.35
CA PRO B 15 -30.45 7.71 -11.34
C PRO B 15 -30.29 9.19 -11.64
N GLY B 16 -29.05 9.62 -11.73
CA GLY B 16 -28.72 11.01 -11.86
C GLY B 16 -28.52 11.76 -10.56
N GLY B 17 -28.93 11.17 -9.43
CA GLY B 17 -28.81 11.83 -8.15
C GLY B 17 -27.38 11.86 -7.59
N SER B 18 -27.26 12.43 -6.39
CA SER B 18 -25.96 12.49 -5.70
C SER B 18 -26.08 11.92 -4.29
N LEU B 19 -24.95 11.43 -3.76
CA LEU B 19 -24.85 11.02 -2.36
C LEU B 19 -23.44 11.36 -1.92
N ARG B 20 -23.28 11.68 -0.65
CA ARG B 20 -21.94 11.83 -0.10
C ARG B 20 -21.74 10.78 0.98
N LEU B 21 -20.76 9.90 0.78
CA LEU B 21 -20.36 8.92 1.78
C LEU B 21 -19.29 9.53 2.65
N SER B 22 -19.31 9.16 3.94
CA SER B 22 -18.32 9.56 4.93
C SER B 22 -17.64 8.33 5.50
N CYS B 23 -16.34 8.43 5.67
CA CYS B 23 -15.56 7.37 6.32
C CYS B 23 -14.91 8.02 7.53
N ALA B 24 -15.44 7.71 8.72
CA ALA B 24 -14.94 8.26 9.98
C ALA B 24 -13.77 7.38 10.44
N SER B 25 -12.58 7.98 10.57
CA SER B 25 -11.38 7.28 11.02
C SER B 25 -11.18 7.50 12.51
N ALA B 26 -10.83 6.43 13.25
CA ALA B 26 -10.53 6.62 14.67
C ALA B 26 -9.23 7.40 14.87
N TYR B 27 -8.33 7.35 13.89
CA TYR B 27 -7.02 7.97 13.96
C TYR B 27 -6.98 9.19 13.05
N THR B 28 -6.10 10.14 13.39
CA THR B 28 -5.86 11.29 12.51
C THR B 28 -5.41 10.78 11.14
N LEU B 29 -5.77 11.53 10.09
CA LEU B 29 -5.69 11.02 8.72
C LEU B 29 -4.25 10.91 8.23
N ASP B 30 -3.28 11.39 8.98
CA ASP B 30 -1.89 11.17 8.57
C ASP B 30 -1.38 9.74 8.84
N TYR B 31 -2.16 8.90 9.52
CA TYR B 31 -1.70 7.55 9.86
C TYR B 31 -1.70 6.59 8.68
N TYR B 32 -2.45 6.85 7.63
CA TYR B 32 -2.58 5.91 6.53
C TYR B 32 -3.30 6.61 5.39
N ALA B 33 -3.16 6.03 4.19
CA ALA B 33 -4.02 6.41 3.06
C ALA B 33 -5.35 5.70 3.22
N ILE B 34 -6.41 6.26 2.61
CA ILE B 34 -7.77 5.76 2.81
C ILE B 34 -8.39 5.62 1.43
N GLY B 35 -9.09 4.51 1.21
CA GLY B 35 -9.73 4.27 -0.08
C GLY B 35 -11.18 3.83 0.08
N TRP B 36 -11.95 4.03 -0.99
CA TRP B 36 -13.29 3.49 -1.10
C TRP B 36 -13.27 2.33 -2.07
N PHE B 37 -13.91 1.24 -1.69
CA PHE B 37 -14.11 0.07 -2.54
C PHE B 37 -15.61 -0.19 -2.68
N ARG B 38 -15.99 -0.95 -3.69
CA ARG B 38 -17.39 -1.38 -3.79
C ARG B 38 -17.46 -2.84 -4.20
N GLN B 39 -18.56 -3.49 -3.82
CA GLN B 39 -18.73 -4.90 -4.06
C GLN B 39 -20.20 -5.19 -4.34
N ALA B 40 -20.45 -5.86 -5.44
CA ALA B 40 -21.80 -6.32 -5.79
C ALA B 40 -21.90 -7.82 -5.45
N PRO B 41 -23.11 -8.39 -5.38
CA PRO B 41 -23.26 -9.77 -4.93
C PRO B 41 -22.38 -10.75 -5.72
N GLY B 42 -21.60 -11.52 -4.98
CA GLY B 42 -20.77 -12.56 -5.57
C GLY B 42 -19.52 -12.09 -6.27
N LYS B 43 -19.18 -10.81 -6.20
CA LYS B 43 -18.02 -10.25 -6.89
C LYS B 43 -16.93 -9.85 -5.90
N GLU B 44 -15.73 -9.60 -6.41
CA GLU B 44 -14.66 -9.14 -5.53
C GLU B 44 -14.80 -7.64 -5.28
N ARG B 45 -14.34 -7.19 -4.12
CA ARG B 45 -14.30 -5.77 -3.85
C ARG B 45 -13.40 -5.08 -4.87
N GLU B 46 -13.89 -3.97 -5.45
CA GLU B 46 -13.11 -3.25 -6.44
C GLU B 46 -12.81 -1.83 -5.96
N VAL B 47 -11.62 -1.34 -6.34
CA VAL B 47 -11.22 0.02 -6.01
C VAL B 47 -12.14 1.01 -6.71
N VAL B 48 -12.59 2.02 -5.95
CA VAL B 48 -13.34 3.14 -6.52
C VAL B 48 -12.49 4.41 -6.54
N SER B 49 -12.00 4.84 -5.38
CA SER B 49 -11.20 6.06 -5.27
C SER B 49 -10.36 6.01 -4.00
N CYS B 50 -9.14 6.56 -4.06
CA CYS B 50 -8.20 6.53 -2.95
C CYS B 50 -7.55 7.90 -2.77
N ILE B 51 -7.10 8.15 -1.54
CA ILE B 51 -6.44 9.41 -1.19
C ILE B 51 -5.40 9.16 -0.11
N ARG B 52 -4.30 9.90 -0.21
CA ARG B 52 -3.36 10.00 0.91
C ARG B 52 -3.52 11.42 1.45
N SER B 53 -4.15 11.55 2.61
CA SER B 53 -4.59 12.86 3.12
C SER B 53 -3.40 13.78 3.43
N SER B 54 -2.24 13.24 3.82
CA SER B 54 -1.14 14.12 4.24
C SER B 54 -0.58 14.93 3.07
N ASP B 55 -0.63 14.40 1.85
CA ASP B 55 -0.39 15.20 0.67
C ASP B 55 -1.74 15.24 -0.04
N GLY B 56 -1.76 15.59 -1.31
CA GLY B 56 -3.11 15.61 -1.88
C GLY B 56 -3.48 14.42 -2.72
N SER B 57 -2.63 13.40 -2.79
CA SER B 57 -2.60 12.49 -3.93
C SER B 57 -3.82 11.60 -3.97
N THR B 58 -4.38 11.43 -5.17
CA THR B 58 -5.58 10.61 -5.31
C THR B 58 -5.44 9.56 -6.41
N TYR B 59 -6.34 8.57 -6.36
CA TYR B 59 -6.54 7.63 -7.45
C TYR B 59 -8.04 7.56 -7.74
N TYR B 60 -8.42 7.55 -9.01
CA TYR B 60 -9.80 7.26 -9.36
C TYR B 60 -9.88 6.14 -10.36
N ALA B 61 -10.75 5.18 -10.11
CA ALA B 61 -11.09 4.17 -11.10
C ALA B 61 -11.69 4.81 -12.33
N ASP B 62 -11.47 4.15 -13.48
CA ASP B 62 -11.92 4.70 -14.74
C ASP B 62 -13.44 4.87 -14.75
N SER B 63 -14.18 4.00 -14.04
CA SER B 63 -15.63 4.02 -14.16
C SER B 63 -16.28 5.21 -13.46
N VAL B 64 -15.55 5.90 -12.58
CA VAL B 64 -16.15 6.97 -11.78
C VAL B 64 -15.49 8.31 -12.02
N LYS B 65 -14.56 8.40 -12.95
CA LYS B 65 -13.85 9.66 -13.18
C LYS B 65 -14.78 10.76 -13.66
N GLY B 66 -14.57 11.95 -13.11
CA GLY B 66 -15.42 13.09 -13.38
C GLY B 66 -16.79 13.04 -12.76
N ARG B 67 -17.15 11.96 -12.06
CA ARG B 67 -18.42 11.86 -11.34
C ARG B 67 -18.25 11.82 -9.82
N PHE B 68 -17.19 11.17 -9.31
CA PHE B 68 -16.95 11.03 -7.88
C PHE B 68 -15.73 11.85 -7.49
N THR B 69 -15.73 12.37 -6.26
CA THR B 69 -14.62 13.17 -5.74
C THR B 69 -14.34 12.73 -4.31
N ILE B 70 -13.11 12.34 -4.05
CA ILE B 70 -12.67 11.98 -2.71
C ILE B 70 -11.95 13.17 -2.06
N SER B 71 -12.18 13.38 -0.75
CA SER B 71 -11.60 14.55 -0.10
C SER B 71 -11.49 14.25 1.37
N SER B 72 -10.68 15.09 2.08
CA SER B 72 -10.33 14.90 3.48
C SER B 72 -10.86 16.03 4.34
N ASP B 73 -11.31 15.68 5.55
CA ASP B 73 -11.62 16.66 6.58
C ASP B 73 -10.79 16.30 7.80
N ASN B 74 -9.65 16.98 7.95
CA ASN B 74 -8.70 16.61 9.00
C ASN B 74 -9.29 16.85 10.39
N ALA B 75 -10.11 17.91 10.54
CA ALA B 75 -10.67 18.24 11.84
C ALA B 75 -11.58 17.13 12.36
N LYS B 76 -12.32 16.47 11.46
CA LYS B 76 -13.25 15.41 11.81
C LYS B 76 -12.67 14.02 11.56
N ASN B 77 -11.40 13.93 11.17
CA ASN B 77 -10.77 12.66 10.81
C ASN B 77 -11.70 11.86 9.91
N THR B 78 -12.22 12.52 8.87
CA THR B 78 -13.20 11.93 7.98
C THR B 78 -12.75 12.09 6.53
N VAL B 79 -12.92 11.04 5.73
CA VAL B 79 -12.75 11.12 4.28
C VAL B 79 -14.12 10.94 3.63
N TYR B 80 -14.42 11.81 2.67
CA TYR B 80 -15.68 11.82 1.96
C TYR B 80 -15.54 11.28 0.55
N LEU B 81 -16.60 10.63 0.05
CA LEU B 81 -16.74 10.30 -1.36
C LEU B 81 -17.99 10.99 -1.85
N GLN B 82 -17.83 12.10 -2.55
CA GLN B 82 -18.97 12.79 -3.16
C GLN B 82 -19.30 12.08 -4.46
N MET B 83 -20.53 11.58 -4.59
CA MET B 83 -20.93 10.81 -5.77
C MET B 83 -22.03 11.59 -6.48
N ASN B 84 -21.72 12.10 -7.66
CA ASN B 84 -22.70 12.79 -8.51
C ASN B 84 -23.03 11.92 -9.70
N SER B 85 -24.13 12.27 -10.39
CA SER B 85 -24.50 11.65 -11.66
C SER B 85 -24.52 10.14 -11.54
N LEU B 86 -25.16 9.65 -10.48
CA LEU B 86 -25.11 8.24 -10.15
C LEU B 86 -25.90 7.44 -11.17
N LYS B 87 -25.44 6.20 -11.42
CA LYS B 87 -26.03 5.30 -12.40
C LYS B 87 -26.47 4.05 -11.68
N PRO B 88 -27.49 3.34 -12.18
CA PRO B 88 -27.90 2.07 -11.55
C PRO B 88 -26.72 1.15 -11.32
N GLU B 89 -25.76 1.13 -12.26
CA GLU B 89 -24.60 0.25 -12.19
C GLU B 89 -23.59 0.66 -11.12
N ASP B 90 -23.80 1.81 -10.47
CA ASP B 90 -23.03 2.17 -9.26
C ASP B 90 -23.55 1.50 -8.00
N THR B 91 -24.74 0.89 -8.06
CA THR B 91 -25.30 0.17 -6.94
C THR B 91 -24.34 -0.91 -6.43
N ALA B 92 -24.13 -0.96 -5.12
CA ALA B 92 -23.11 -1.86 -4.54
C ALA B 92 -23.07 -1.58 -3.05
N VAL B 93 -22.39 -2.45 -2.32
CA VAL B 93 -21.96 -2.11 -0.97
C VAL B 93 -20.65 -1.33 -1.09
N TYR B 94 -20.57 -0.17 -0.44
CA TYR B 94 -19.36 0.65 -0.48
C TYR B 94 -18.63 0.53 0.84
N TYR B 95 -17.33 0.17 0.80
CA TYR B 95 -16.52 0.04 2.01
C TYR B 95 -15.42 1.11 2.02
N CYS B 96 -15.07 1.60 3.20
CA CYS B 96 -13.78 2.26 3.19
C CYS B 96 -12.74 1.36 3.86
N ALA B 97 -11.50 1.64 3.49
CA ALA B 97 -10.35 0.86 3.92
C ALA B 97 -9.20 1.83 4.17
N ALA B 98 -8.25 1.39 4.99
CA ALA B 98 -7.11 2.23 5.30
C ALA B 98 -5.88 1.35 5.40
N ASP B 99 -4.75 1.86 4.89
CA ASP B 99 -3.48 1.16 5.06
C ASP B 99 -2.36 2.14 4.74
N SER B 100 -1.16 1.93 5.37
CA SER B 100 -0.02 2.79 5.08
C SER B 100 0.32 2.79 3.60
N TYR B 101 0.07 1.67 2.91
CA TYR B 101 0.40 1.51 1.50
C TYR B 101 -0.86 1.48 0.61
N LEU B 102 -1.97 2.02 1.09
CA LEU B 102 -3.20 1.88 0.33
C LEU B 102 -3.15 2.61 -1.02
N LEU B 103 -2.57 3.82 -1.05
CA LEU B 103 -2.64 4.57 -2.31
C LEU B 103 -1.78 3.90 -3.37
N GLU B 104 -0.59 3.40 -2.99
CA GLU B 104 0.18 2.63 -3.93
C GLU B 104 -0.56 1.37 -4.35
N PHE B 105 -1.23 0.70 -3.40
CA PHE B 105 -2.08 -0.43 -3.75
C PHE B 105 -3.12 -0.06 -4.82
N CYS B 106 -3.84 1.05 -4.62
CA CYS B 106 -4.81 1.48 -5.66
C CYS B 106 -4.12 1.70 -7.00
N GLY B 107 -2.99 2.39 -7.01
CA GLY B 107 -2.26 2.64 -8.25
C GLY B 107 -1.76 1.39 -8.93
N TYR B 108 -1.10 0.47 -8.18
CA TYR B 108 -0.47 -0.67 -8.85
C TYR B 108 -1.50 -1.71 -9.33
N TYR B 109 -2.60 -1.89 -8.62
CA TYR B 109 -3.46 -3.02 -8.91
C TYR B 109 -4.74 -2.64 -9.65
N SER B 110 -5.16 -1.40 -9.56
CA SER B 110 -6.32 -1.04 -10.34
C SER B 110 -5.79 -0.69 -11.73
N GLY B 111 -5.91 -1.64 -12.66
CA GLY B 111 -5.28 -1.52 -13.96
N TYR B 114 -3.81 -5.80 -13.49
CA TYR B 114 -4.41 -5.95 -12.16
C TYR B 114 -3.91 -7.22 -11.46
N SER B 115 -2.58 -7.32 -11.31
CA SER B 115 -1.84 -8.49 -10.80
C SER B 115 -2.68 -9.47 -10.00
N GLY B 116 -3.20 -9.05 -8.86
CA GLY B 116 -4.16 -9.85 -8.14
C GLY B 116 -3.81 -10.11 -6.69
N PRO B 117 -4.64 -9.58 -5.79
CA PRO B 117 -4.58 -10.01 -4.38
C PRO B 117 -5.88 -10.65 -3.91
N ALA B 118 -6.13 -10.57 -2.61
CA ALA B 118 -7.44 -10.86 -2.03
C ALA B 118 -8.02 -9.63 -1.36
N SER B 119 -7.29 -8.51 -1.39
CA SER B 119 -7.68 -7.21 -0.83
C SER B 119 -7.66 -7.22 0.70
N GLY B 120 -7.84 -8.40 1.30
CA GLY B 120 -7.63 -8.57 2.72
C GLY B 120 -6.22 -8.25 3.17
N ARG B 121 -5.31 -7.92 2.25
CA ARG B 121 -3.98 -7.46 2.64
C ARG B 121 -3.98 -6.05 3.23
N LEU B 122 -5.03 -5.23 3.03
CA LEU B 122 -5.01 -3.92 3.63
C LEU B 122 -5.53 -4.02 5.07
N ASP B 123 -4.94 -3.21 5.96
CA ASP B 123 -5.06 -3.41 7.42
C ASP B 123 -6.48 -3.20 7.96
N TYR B 124 -7.18 -2.12 7.54
CA TYR B 124 -8.40 -1.67 8.22
C TYR B 124 -9.54 -1.60 7.22
N TRP B 125 -10.76 -2.03 7.64
CA TRP B 125 -11.95 -2.00 6.78
C TRP B 125 -13.15 -1.56 7.61
N GLY B 126 -14.01 -0.74 7.01
CA GLY B 126 -15.30 -0.47 7.60
C GLY B 126 -16.25 -1.64 7.43
N GLN B 127 -17.51 -1.43 7.85
CA GLN B 127 -18.48 -2.51 7.76
C GLN B 127 -19.22 -2.51 6.43
N GLY B 128 -19.13 -1.43 5.66
CA GLY B 128 -19.78 -1.29 4.38
C GLY B 128 -21.10 -0.54 4.51
N THR B 129 -21.50 0.14 3.44
CA THR B 129 -22.76 0.84 3.43
C THR B 129 -23.41 0.66 2.08
N GLN B 130 -24.74 0.45 2.08
CA GLN B 130 -25.43 0.10 0.85
C GLN B 130 -25.73 1.35 0.04
N VAL B 131 -25.38 1.33 -1.24
CA VAL B 131 -25.76 2.39 -2.17
C VAL B 131 -26.66 1.78 -3.24
N THR B 132 -27.88 2.30 -3.37
CA THR B 132 -28.79 1.74 -4.35
C THR B 132 -29.29 2.87 -5.24
N VAL B 133 -29.07 2.72 -6.54
CA VAL B 133 -29.39 3.71 -7.53
C VAL B 133 -30.48 3.11 -8.39
N SER B 134 -31.70 3.63 -8.25
CA SER B 134 -32.84 2.90 -8.81
C SER B 134 -34.02 3.86 -8.92
N SER B 135 -34.74 3.73 -10.01
CA SER B 135 -36.02 4.42 -10.13
C SER B 135 -37.19 3.52 -9.74
N HIS B 136 -36.93 2.40 -9.03
CA HIS B 136 -37.98 1.43 -8.72
C HIS B 136 -38.19 1.14 -7.24
N HIS B 137 -37.30 1.57 -6.35
CA HIS B 137 -37.53 1.40 -4.93
C HIS B 137 -38.25 2.61 -4.33
N HIS B 138 -39.23 2.36 -3.46
CA HIS B 138 -39.99 3.52 -3.00
C HIS B 138 -39.21 4.28 -1.93
N HIS B 139 -39.63 5.55 -1.74
CA HIS B 139 -38.75 6.71 -1.64
C HIS B 139 -38.79 7.33 -3.04
N HIS B 140 -37.84 6.90 -3.88
CA HIS B 140 -37.77 7.23 -5.29
C HIS B 140 -36.85 6.25 -6.04
N HIS B 141 -35.55 6.32 -5.76
CL CL C . 10.99 -2.04 12.48
CL CL D . 12.56 -19.11 1.09
#